data_3I1J
#
_entry.id   3I1J
#
_cell.length_a   47.253
_cell.length_b   71.599
_cell.length_c   131.086
_cell.angle_alpha   90.00
_cell.angle_beta   90.00
_cell.angle_gamma   90.00
#
_symmetry.space_group_name_H-M   'P 21 21 21'
#
loop_
_entity.id
_entity.type
_entity.pdbx_description
1 polymer 'Oxidoreductase, short chain dehydrogenase/reductase family'
2 non-polymer 1,2-ETHANEDIOL
3 non-polymer 'ACETATE ION'
4 non-polymer 'SODIUM ION'
5 non-polymer 'CHLORIDE ION'
6 water water
#
_entity_poly.entity_id   1
_entity_poly.type   'polypeptide(L)'
_entity_poly.pdbx_seq_one_letter_code
;G(MSE)FDYSAHPELLKGRVILVTGAARGIGAAAARAYAAHGASVVLLGRTEASLAEVSDQIKSAGQPQPLIIALNLENA
TAQQYRELAARVEHEFGRLDGLLHNASIIGPRTPLEQLPDEDF(MSE)QV(MSE)HVNVNATF(MSE)LTRALLPLLKRS
EDASIAFTSSSVGRKGRANWGAYGVSKFATEGL(MSE)QTLADELEGVTAVRANSINPGATRTG(MSE)RAQAYPDENPL
NNPAPEDI(MSE)PVYLYL(MSE)GPDSTGINGQALNAQ
;
_entity_poly.pdbx_strand_id   A,B
#
# COMPACT_ATOMS: atom_id res chain seq x y z
N GLY A 1 18.17 16.19 -9.68
CA GLY A 1 18.31 16.78 -11.05
C GLY A 1 17.66 15.94 -12.13
N PHE A 3 16.90 13.42 -14.78
CA PHE A 3 17.55 12.16 -15.05
C PHE A 3 18.46 12.30 -16.29
N ASP A 4 19.67 11.76 -16.18
CA ASP A 4 20.72 11.96 -17.15
C ASP A 4 20.75 10.85 -18.22
N TYR A 5 20.01 11.04 -19.31
CA TYR A 5 19.93 10.07 -20.39
C TYR A 5 19.42 10.73 -21.66
N SER A 6 20.13 10.52 -22.76
CA SER A 6 19.67 11.01 -24.03
C SER A 6 19.38 9.79 -24.88
N ALA A 7 18.19 9.79 -25.45
CA ALA A 7 17.69 8.68 -26.23
C ALA A 7 17.79 8.97 -27.72
N HIS A 8 18.51 8.09 -28.43
CA HIS A 8 18.72 8.12 -29.88
C HIS A 8 17.35 7.86 -30.55
N PRO A 9 17.09 8.46 -31.73
CA PRO A 9 15.74 8.40 -32.34
C PRO A 9 15.18 7.00 -32.65
N GLU A 10 16.04 5.97 -32.73
CA GLU A 10 15.54 4.59 -32.95
C GLU A 10 15.78 3.70 -31.73
N LEU A 11 16.04 4.32 -30.57
CA LEU A 11 16.29 3.60 -29.32
C LEU A 11 15.33 2.40 -29.10
N LEU A 12 14.04 2.65 -29.32
CA LEU A 12 13.00 1.68 -29.02
C LEU A 12 12.47 0.88 -30.21
N LYS A 13 13.17 0.94 -31.34
CA LYS A 13 12.81 0.17 -32.53
C LYS A 13 12.71 -1.30 -32.11
N GLY A 14 11.70 -1.98 -32.60
CA GLY A 14 11.56 -3.40 -32.33
C GLY A 14 10.77 -3.68 -31.04
N ARG A 15 10.29 -2.65 -30.35
CA ARG A 15 9.62 -2.83 -29.06
C ARG A 15 8.13 -2.48 -29.10
N VAL A 16 7.32 -3.28 -28.40
CA VAL A 16 5.88 -3.05 -28.21
C VAL A 16 5.73 -2.62 -26.75
N ILE A 17 5.24 -1.41 -26.54
CA ILE A 17 5.08 -0.82 -25.20
C ILE A 17 3.65 -0.36 -24.90
N LEU A 18 3.10 -0.84 -23.78
CA LEU A 18 1.74 -0.47 -23.36
C LEU A 18 1.86 0.61 -22.30
N VAL A 19 1.12 1.70 -22.50
CA VAL A 19 1.06 2.84 -21.58
C VAL A 19 -0.36 3.02 -21.03
N THR A 20 -0.50 3.02 -19.70
CA THR A 20 -1.83 3.22 -19.11
C THR A 20 -1.99 4.70 -18.77
N GLY A 21 -3.23 5.19 -18.70
CA GLY A 21 -3.48 6.63 -18.52
C GLY A 21 -2.86 7.42 -19.65
N ALA A 22 -2.98 6.89 -20.88
CA ALA A 22 -2.31 7.47 -22.06
C ALA A 22 -2.99 8.72 -22.63
N ALA A 23 -4.18 9.09 -22.12
CA ALA A 23 -4.97 10.10 -22.83
C ALA A 23 -4.38 11.49 -22.66
N ARG A 24 -3.75 11.73 -21.52
CA ARG A 24 -3.28 13.11 -21.24
C ARG A 24 -2.08 13.11 -20.32
N GLY A 25 -1.53 14.30 -20.07
CA GLY A 25 -0.48 14.44 -19.04
C GLY A 25 0.77 13.58 -19.31
N ILE A 26 1.33 12.99 -18.24
CA ILE A 26 2.54 12.16 -18.35
C ILE A 26 2.35 10.95 -19.26
N GLY A 27 1.20 10.29 -19.15
CA GLY A 27 0.86 9.15 -20.00
C GLY A 27 0.90 9.51 -21.48
N ALA A 28 0.26 10.63 -21.87
CA ALA A 28 0.27 11.06 -23.26
C ALA A 28 1.70 11.37 -23.75
N ALA A 29 2.47 12.07 -22.92
CA ALA A 29 3.86 12.44 -23.20
C ALA A 29 4.74 11.19 -23.40
N ALA A 30 4.56 10.18 -22.53
CA ALA A 30 5.34 8.92 -22.65
C ALA A 30 4.94 8.16 -23.91
N ALA A 31 3.64 8.04 -24.15
CA ALA A 31 3.16 7.41 -25.38
C ALA A 31 3.77 8.10 -26.61
N ARG A 32 3.69 9.43 -26.66
CA ARG A 32 4.25 10.18 -27.78
C ARG A 32 5.78 9.99 -27.88
N ALA A 33 6.49 10.03 -26.74
CA ALA A 33 7.94 9.84 -26.74
C ALA A 33 8.35 8.42 -27.18
N TYR A 34 7.63 7.41 -26.70
CA TYR A 34 7.95 6.06 -27.07
C TYR A 34 7.74 5.87 -28.59
N ALA A 35 6.61 6.34 -29.12
CA ALA A 35 6.38 6.23 -30.56
C ALA A 35 7.48 6.96 -31.36
N ALA A 36 7.87 8.14 -30.88
CA ALA A 36 8.89 8.99 -31.55
C ALA A 36 10.28 8.36 -31.52
N HIS A 37 10.50 7.42 -30.60
CA HIS A 37 11.77 6.71 -30.50
C HIS A 37 11.68 5.29 -31.08
N GLY A 38 10.60 5.05 -31.83
CA GLY A 38 10.47 3.86 -32.69
C GLY A 38 9.56 2.74 -32.21
N ALA A 39 8.96 2.91 -31.03
CA ALA A 39 8.16 1.83 -30.43
C ALA A 39 6.78 1.75 -31.08
N SER A 40 6.22 0.53 -31.08
CA SER A 40 4.79 0.32 -31.33
C SER A 40 4.12 0.51 -29.96
N VAL A 41 3.19 1.46 -29.88
N VAL A 41 3.20 1.46 -29.87
CA VAL A 41 2.55 1.77 -28.59
CA VAL A 41 2.56 1.73 -28.59
C VAL A 41 1.13 1.20 -28.52
C VAL A 41 1.14 1.16 -28.53
N VAL A 42 0.78 0.71 -27.33
CA VAL A 42 -0.58 0.30 -27.04
C VAL A 42 -1.09 1.34 -26.02
N LEU A 43 -2.15 2.02 -26.39
CA LEU A 43 -2.69 3.11 -25.58
C LEU A 43 -3.87 2.59 -24.77
N LEU A 44 -3.79 2.72 -23.45
CA LEU A 44 -4.90 2.33 -22.59
C LEU A 44 -5.47 3.58 -21.90
N GLY A 45 -6.77 3.70 -21.94
CA GLY A 45 -7.46 4.79 -21.26
C GLY A 45 -8.93 4.44 -21.16
N ARG A 46 -9.70 5.42 -20.73
CA ARG A 46 -11.06 5.18 -20.32
C ARG A 46 -11.96 5.06 -21.55
N THR A 47 -11.76 5.94 -22.53
CA THR A 47 -12.68 6.05 -23.66
C THR A 47 -11.94 6.22 -24.98
N GLU A 48 -12.57 5.86 -26.12
CA GLU A 48 -11.94 6.12 -27.40
C GLU A 48 -11.71 7.61 -27.63
N ALA A 49 -12.71 8.43 -27.29
CA ALA A 49 -12.62 9.86 -27.56
C ALA A 49 -11.45 10.49 -26.80
N SER A 50 -11.15 9.98 -25.61
CA SER A 50 -10.08 10.53 -24.77
C SER A 50 -8.70 10.24 -25.34
N LEU A 51 -8.61 9.15 -26.10
CA LEU A 51 -7.34 8.68 -26.69
C LEU A 51 -7.09 9.17 -28.13
N ALA A 52 -8.11 9.82 -28.73
CA ALA A 52 -8.07 10.23 -30.18
C ALA A 52 -6.92 11.19 -30.44
N GLU A 53 -6.75 12.15 -29.55
CA GLU A 53 -5.73 13.18 -29.75
C GLU A 53 -4.32 12.58 -29.78
N VAL A 54 -3.99 11.82 -28.76
CA VAL A 54 -2.68 11.20 -28.67
C VAL A 54 -2.44 10.21 -29.86
N SER A 55 -3.42 9.38 -30.19
CA SER A 55 -3.35 8.50 -31.37
C SER A 55 -3.12 9.30 -32.69
N ASP A 56 -3.86 10.39 -32.85
CA ASP A 56 -3.76 11.23 -34.03
C ASP A 56 -2.35 11.83 -34.12
N GLN A 57 -1.84 12.33 -32.99
CA GLN A 57 -0.52 12.94 -32.93
C GLN A 57 0.55 11.92 -33.37
N ILE A 58 0.51 10.71 -32.81
CA ILE A 58 1.42 9.61 -33.19
C ILE A 58 1.33 9.20 -34.68
N LYS A 59 0.11 8.98 -35.19
CA LYS A 59 -0.07 8.71 -36.62
C LYS A 59 0.52 9.79 -37.54
N SER A 60 0.32 11.05 -37.17
CA SER A 60 0.66 12.19 -38.02
C SER A 60 2.15 12.48 -38.06
N ALA A 61 2.81 12.25 -36.93
CA ALA A 61 4.26 12.37 -36.82
C ALA A 61 4.86 11.25 -37.67
N GLY A 62 4.02 10.29 -38.05
CA GLY A 62 4.31 9.27 -39.06
C GLY A 62 4.69 7.91 -38.51
N GLN A 63 4.08 7.49 -37.41
CA GLN A 63 4.76 6.51 -36.54
C GLN A 63 4.33 5.07 -36.27
N PRO A 64 3.16 4.58 -36.78
CA PRO A 64 1.88 5.04 -37.31
C PRO A 64 0.76 4.76 -36.28
N GLN A 65 -0.28 4.02 -36.67
CA GLN A 65 -1.51 3.81 -35.89
C GLN A 65 -1.36 2.92 -34.64
N PRO A 66 -1.37 3.54 -33.44
CA PRO A 66 -1.19 2.75 -32.22
C PRO A 66 -2.45 1.93 -31.90
N LEU A 67 -2.31 0.90 -31.09
CA LEU A 67 -3.46 0.09 -30.65
C LEU A 67 -4.18 0.81 -29.49
N ILE A 68 -5.48 1.06 -29.64
CA ILE A 68 -6.27 1.70 -28.61
C ILE A 68 -7.06 0.66 -27.82
N ILE A 69 -6.92 0.69 -26.48
CA ILE A 69 -7.72 -0.19 -25.62
C ILE A 69 -8.42 0.61 -24.52
N ALA A 70 -9.75 0.47 -24.46
CA ALA A 70 -10.66 1.05 -23.47
C ALA A 70 -10.73 0.14 -22.25
N LEU A 71 -10.64 0.72 -21.05
CA LEU A 71 -10.80 -0.05 -19.80
C LEU A 71 -11.17 0.86 -18.62
N ASN A 72 -12.08 0.38 -17.76
CA ASN A 72 -12.55 1.15 -16.59
C ASN A 72 -11.85 0.57 -15.33
N LEU A 73 -10.83 1.25 -14.80
CA LEU A 73 -10.02 0.66 -13.73
C LEU A 73 -10.80 0.42 -12.44
N GLU A 74 -11.88 1.17 -12.22
CA GLU A 74 -12.63 1.00 -10.97
C GLU A 74 -13.45 -0.25 -10.96
N ASN A 75 -13.83 -0.74 -12.15
CA ASN A 75 -14.67 -1.96 -12.19
C ASN A 75 -14.25 -3.09 -13.16
N ALA A 76 -13.14 -2.91 -13.90
CA ALA A 76 -12.60 -4.01 -14.71
C ALA A 76 -12.31 -5.21 -13.81
N THR A 77 -12.65 -6.41 -14.28
CA THR A 77 -12.40 -7.65 -13.53
C THR A 77 -11.38 -8.47 -14.30
N ALA A 78 -11.02 -9.66 -13.81
CA ALA A 78 -10.10 -10.53 -14.59
C ALA A 78 -10.56 -10.79 -16.02
N GLN A 79 -11.87 -10.81 -16.26
CA GLN A 79 -12.33 -11.00 -17.63
C GLN A 79 -11.78 -9.88 -18.60
N GLN A 80 -11.98 -8.62 -18.20
CA GLN A 80 -11.42 -7.48 -18.92
C GLN A 80 -9.89 -7.54 -19.05
N TYR A 81 -9.16 -7.84 -17.97
CA TYR A 81 -7.70 -7.88 -18.07
C TYR A 81 -7.23 -9.04 -18.95
N ARG A 82 -7.88 -10.20 -18.82
CA ARG A 82 -7.58 -11.34 -19.71
C ARG A 82 -7.81 -10.97 -21.18
N GLU A 83 -8.95 -10.31 -21.46
CA GLU A 83 -9.26 -10.00 -22.86
C GLU A 83 -8.26 -8.99 -23.43
N LEU A 84 -7.91 -7.99 -22.63
CA LEU A 84 -6.86 -7.03 -23.03
C LEU A 84 -5.55 -7.75 -23.42
N ALA A 85 -5.07 -8.62 -22.56
CA ALA A 85 -3.87 -9.44 -22.80
C ALA A 85 -3.99 -10.28 -24.09
N ALA A 86 -5.14 -10.89 -24.31
CA ALA A 86 -5.39 -11.69 -25.51
C ALA A 86 -5.29 -10.83 -26.77
N ARG A 87 -5.83 -9.60 -26.72
CA ARG A 87 -5.72 -8.70 -27.86
C ARG A 87 -4.27 -8.32 -28.17
N VAL A 88 -3.53 -7.99 -27.13
CA VAL A 88 -2.10 -7.72 -27.29
C VAL A 88 -1.38 -8.94 -27.87
N GLU A 89 -1.66 -10.13 -27.31
CA GLU A 89 -1.03 -11.37 -27.77
C GLU A 89 -1.37 -11.66 -29.24
N HIS A 90 -2.63 -11.44 -29.62
CA HIS A 90 -3.03 -11.69 -31.00
C HIS A 90 -2.21 -10.80 -31.96
N GLU A 91 -2.04 -9.54 -31.58
CA GLU A 91 -1.45 -8.56 -32.48
C GLU A 91 0.08 -8.67 -32.52
N PHE A 92 0.70 -8.90 -31.35
CA PHE A 92 2.15 -8.80 -31.22
C PHE A 92 2.88 -10.06 -30.78
N GLY A 93 2.17 -10.90 -30.02
CA GLY A 93 2.77 -12.16 -29.58
C GLY A 93 3.63 -11.99 -28.35
N ARG A 94 3.80 -10.74 -27.89
CA ARG A 94 4.66 -10.40 -26.77
C ARG A 94 4.34 -8.96 -26.32
N LEU A 95 5.01 -8.56 -25.24
CA LEU A 95 5.06 -7.16 -24.80
C LEU A 95 6.48 -6.90 -24.33
N ASP A 96 7.09 -5.80 -24.79
CA ASP A 96 8.46 -5.44 -24.37
C ASP A 96 8.49 -4.43 -23.22
N GLY A 97 7.40 -3.70 -23.05
CA GLY A 97 7.35 -2.63 -22.02
C GLY A 97 5.95 -2.41 -21.49
N LEU A 98 5.87 -2.09 -20.20
CA LEU A 98 4.58 -1.76 -19.57
C LEU A 98 4.82 -0.58 -18.63
N LEU A 99 4.23 0.57 -18.97
CA LEU A 99 4.27 1.80 -18.15
C LEU A 99 2.97 1.93 -17.40
N HIS A 100 2.99 1.67 -16.09
CA HIS A 100 1.81 1.85 -15.26
C HIS A 100 1.78 3.30 -14.87
N ASN A 101 1.01 4.10 -15.59
CA ASN A 101 0.92 5.51 -15.30
C ASN A 101 -0.44 5.94 -14.70
N ALA A 102 -1.53 5.22 -15.01
CA ALA A 102 -2.86 5.61 -14.53
C ALA A 102 -2.87 5.55 -13.00
N SER A 103 -3.49 6.54 -12.35
CA SER A 103 -3.73 6.50 -10.91
C SER A 103 -4.71 7.62 -10.65
N ILE A 104 -5.30 7.64 -9.46
CA ILE A 104 -6.22 8.72 -9.05
C ILE A 104 -5.70 9.17 -7.71
N ILE A 105 -6.02 10.42 -7.35
CA ILE A 105 -5.56 10.98 -6.09
C ILE A 105 -6.54 10.68 -4.95
N GLY A 106 -7.84 10.83 -5.23
CA GLY A 106 -8.84 10.81 -4.17
C GLY A 106 -8.83 12.14 -3.42
N PRO A 107 -9.66 12.24 -2.35
CA PRO A 107 -9.60 13.41 -1.48
C PRO A 107 -8.25 13.58 -0.76
N ARG A 108 -7.78 14.84 -0.72
CA ARG A 108 -6.65 15.16 0.15
C ARG A 108 -7.18 15.76 1.43
N THR A 109 -7.87 14.95 2.23
CA THR A 109 -8.34 15.39 3.53
C THR A 109 -7.43 14.69 4.54
N PRO A 110 -7.41 15.17 5.81
CA PRO A 110 -6.89 14.35 6.87
C PRO A 110 -7.55 12.96 6.90
N LEU A 111 -6.79 11.94 7.30
CA LEU A 111 -7.31 10.57 7.36
C LEU A 111 -8.60 10.41 8.15
N GLU A 112 -8.72 11.18 9.24
CA GLU A 112 -9.90 11.15 10.11
C GLU A 112 -11.19 11.45 9.32
N GLN A 113 -11.10 12.39 8.36
CA GLN A 113 -12.26 12.77 7.57
C GLN A 113 -12.36 12.11 6.21
N LEU A 114 -11.39 11.25 5.85
CA LEU A 114 -11.39 10.61 4.52
C LEU A 114 -12.48 9.55 4.43
N PRO A 115 -13.52 9.74 3.59
CA PRO A 115 -14.55 8.71 3.56
C PRO A 115 -14.00 7.32 3.15
N ASP A 116 -14.57 6.30 3.77
CA ASP A 116 -14.15 4.91 3.64
C ASP A 116 -14.16 4.44 2.21
N GLU A 117 -15.23 4.75 1.48
CA GLU A 117 -15.33 4.30 0.10
C GLU A 117 -14.37 4.99 -0.86
N ASP A 118 -14.04 6.25 -0.58
CA ASP A 118 -13.02 6.97 -1.34
C ASP A 118 -11.66 6.35 -1.12
N PHE A 119 -11.28 6.11 0.14
CA PHE A 119 -10.05 5.37 0.43
C PHE A 119 -9.99 4.04 -0.37
N GLN A 121 -11.57 3.01 -3.04
CA GLN A 121 -11.56 3.14 -4.48
C GLN A 121 -10.19 3.56 -4.99
N VAL A 122 -9.55 4.50 -4.30
CA VAL A 122 -8.17 4.89 -4.63
C VAL A 122 -7.27 3.63 -4.56
N HIS A 124 -8.15 0.56 -4.81
CA HIS A 124 -8.54 -0.38 -5.84
C HIS A 124 -7.88 0.04 -7.18
N VAL A 125 -8.07 1.29 -7.56
CA VAL A 125 -7.60 1.77 -8.87
C VAL A 125 -6.04 1.79 -8.95
N ASN A 126 -5.40 2.29 -7.91
CA ASN A 126 -3.95 2.49 -7.93
C ASN A 126 -3.17 1.21 -7.67
N VAL A 127 -3.75 0.26 -6.92
CA VAL A 127 -3.01 -0.92 -6.54
C VAL A 127 -3.65 -2.20 -7.09
N ASN A 128 -4.95 -2.45 -6.79
CA ASN A 128 -5.57 -3.74 -7.21
C ASN A 128 -5.51 -3.87 -8.74
N ALA A 129 -5.97 -2.80 -9.42
CA ALA A 129 -5.97 -2.78 -10.87
C ALA A 129 -4.56 -2.90 -11.44
N THR A 130 -3.57 -2.24 -10.81
CA THR A 130 -2.21 -2.33 -11.30
C THR A 130 -1.69 -3.78 -11.21
N PHE A 131 -1.98 -4.42 -10.09
CA PHE A 131 -1.63 -5.84 -9.91
C PHE A 131 -2.32 -6.74 -10.96
N LEU A 133 -3.61 -6.02 -13.86
CA LEU A 133 -3.06 -5.76 -15.21
C LEU A 133 -1.66 -6.40 -15.36
N THR A 134 -0.82 -6.22 -14.35
CA THR A 134 0.53 -6.81 -14.36
C THR A 134 0.49 -8.33 -14.51
N ARG A 135 -0.33 -8.97 -13.66
CA ARG A 135 -0.54 -10.40 -13.73
C ARG A 135 -1.05 -10.90 -15.09
N ALA A 136 -2.01 -10.20 -15.71
CA ALA A 136 -2.48 -10.59 -17.06
C ALA A 136 -1.44 -10.44 -18.18
N LEU A 137 -0.53 -9.47 -18.04
CA LEU A 137 0.49 -9.19 -19.04
C LEU A 137 1.85 -9.80 -18.84
N LEU A 138 2.12 -10.26 -17.62
CA LEU A 138 3.41 -10.94 -17.35
C LEU A 138 3.74 -12.07 -18.35
N PRO A 139 2.79 -12.98 -18.68
CA PRO A 139 3.21 -14.01 -19.67
C PRO A 139 3.71 -13.43 -21.03
N LEU A 140 3.04 -12.38 -21.53
CA LEU A 140 3.51 -11.63 -22.71
C LEU A 140 4.87 -10.95 -22.54
N LEU A 141 5.06 -10.31 -21.39
CA LEU A 141 6.36 -9.67 -21.07
C LEU A 141 7.47 -10.72 -21.03
N LYS A 142 7.12 -11.91 -20.56
CA LYS A 142 8.08 -13.00 -20.48
C LYS A 142 8.46 -13.60 -21.84
N ARG A 143 7.71 -13.25 -22.90
CA ARG A 143 8.06 -13.72 -24.25
C ARG A 143 9.03 -12.77 -24.95
N SER A 144 9.21 -11.59 -24.36
CA SER A 144 10.22 -10.62 -24.79
C SER A 144 11.68 -11.07 -24.54
N GLU A 145 12.56 -10.66 -25.44
CA GLU A 145 14.02 -10.78 -25.23
C GLU A 145 14.54 -9.84 -24.15
N ASP A 146 13.83 -8.72 -23.94
CA ASP A 146 14.29 -7.68 -22.99
C ASP A 146 13.09 -6.82 -22.63
N ALA A 147 12.46 -7.11 -21.49
CA ALA A 147 11.20 -6.45 -21.15
C ALA A 147 11.32 -5.59 -19.90
N SER A 148 10.52 -4.53 -19.83
CA SER A 148 10.60 -3.57 -18.71
C SER A 148 9.22 -3.13 -18.21
N ILE A 149 8.99 -3.21 -16.91
CA ILE A 149 7.76 -2.70 -16.27
C ILE A 149 8.15 -1.51 -15.40
N ALA A 150 7.50 -0.38 -15.60
CA ALA A 150 7.77 0.79 -14.79
C ALA A 150 6.49 1.13 -14.04
N PHE A 151 6.58 1.19 -12.71
CA PHE A 151 5.46 1.64 -11.87
C PHE A 151 5.62 3.11 -11.60
N THR A 152 4.51 3.85 -11.57
CA THR A 152 4.60 5.25 -11.20
C THR A 152 4.40 5.40 -9.71
N SER A 153 5.29 6.17 -9.09
CA SER A 153 5.23 6.44 -7.67
C SER A 153 5.24 7.96 -7.43
N SER A 154 5.75 8.36 -6.27
CA SER A 154 5.63 9.73 -5.78
C SER A 154 6.57 9.84 -4.59
N SER A 155 7.05 11.05 -4.30
CA SER A 155 7.79 11.26 -3.04
C SER A 155 6.98 10.74 -1.82
N VAL A 156 5.65 10.83 -1.87
CA VAL A 156 4.79 10.40 -0.75
C VAL A 156 4.56 8.90 -0.71
N GLY A 157 5.07 8.18 -1.71
CA GLY A 157 5.10 6.73 -1.70
C GLY A 157 6.38 6.20 -1.10
N ARG A 158 7.29 7.12 -0.77
CA ARG A 158 8.58 6.78 -0.21
C ARG A 158 8.78 7.37 1.17
N LYS A 159 8.24 8.57 1.41
CA LYS A 159 8.16 9.16 2.75
C LYS A 159 6.80 9.82 2.92
N GLY A 160 6.00 9.28 3.85
CA GLY A 160 4.60 9.68 4.03
C GLY A 160 4.44 11.11 4.50
N ARG A 161 3.38 11.78 4.06
CA ARG A 161 3.10 13.18 4.38
C ARG A 161 1.63 13.39 4.64
N ALA A 162 1.33 14.34 5.53
CA ALA A 162 -0.04 14.67 5.91
C ALA A 162 -0.93 15.00 4.73
N ASN A 163 -2.19 14.63 4.88
CA ASN A 163 -3.28 14.90 3.92
C ASN A 163 -3.13 14.34 2.51
N TRP A 164 -2.42 13.24 2.39
CA TRP A 164 -2.35 12.57 1.10
C TRP A 164 -3.37 11.41 0.98
N GLY A 165 -4.22 11.27 2.00
CA GLY A 165 -5.34 10.33 1.96
C GLY A 165 -4.87 8.95 1.58
N ALA A 166 -5.54 8.35 0.62
CA ALA A 166 -5.17 7.02 0.18
C ALA A 166 -4.05 7.07 -0.86
N TYR A 167 -3.77 8.26 -1.39
CA TYR A 167 -2.78 8.38 -2.46
C TYR A 167 -1.38 7.96 -2.00
N GLY A 168 -0.90 8.52 -0.89
CA GLY A 168 0.44 8.15 -0.37
C GLY A 168 0.49 6.65 -0.05
N VAL A 169 -0.52 6.18 0.67
CA VAL A 169 -0.68 4.76 1.01
C VAL A 169 -0.58 3.89 -0.25
N SER A 170 -1.27 4.29 -1.31
CA SER A 170 -1.30 3.48 -2.56
C SER A 170 0.07 3.44 -3.21
N LYS A 171 0.82 4.54 -3.06
CA LYS A 171 2.15 4.59 -3.67
C LYS A 171 3.20 3.82 -2.87
N PHE A 172 3.03 3.80 -1.54
CA PHE A 172 3.78 2.88 -0.68
C PHE A 172 3.51 1.42 -1.12
N ALA A 173 2.24 1.08 -1.33
CA ALA A 173 1.91 -0.26 -1.82
C ALA A 173 2.59 -0.51 -3.18
N THR A 174 2.54 0.51 -4.04
CA THR A 174 3.20 0.43 -5.37
C THR A 174 4.70 0.07 -5.28
N GLU A 175 5.42 0.74 -4.38
CA GLU A 175 6.83 0.46 -4.22
C GLU A 175 7.01 -0.95 -3.71
N GLY A 176 6.14 -1.37 -2.80
CA GLY A 176 6.09 -2.74 -2.32
C GLY A 176 5.89 -3.79 -3.38
N LEU A 177 4.89 -3.56 -4.22
CA LEU A 177 4.61 -4.41 -5.36
C LEU A 177 5.81 -4.53 -6.31
N GLN A 179 9.04 -3.86 -5.68
CA GLN A 179 10.15 -4.56 -5.05
C GLN A 179 9.95 -6.07 -5.02
N THR A 180 8.72 -6.49 -4.72
CA THR A 180 8.39 -7.94 -4.61
C THR A 180 8.56 -8.56 -5.97
N LEU A 181 7.95 -7.95 -6.97
CA LEU A 181 8.04 -8.46 -8.35
C LEU A 181 9.45 -8.47 -8.92
N ALA A 182 10.19 -7.39 -8.69
CA ALA A 182 11.60 -7.36 -9.11
C ALA A 182 12.39 -8.54 -8.57
N ASP A 183 12.13 -8.89 -7.31
CA ASP A 183 12.82 -9.97 -6.66
C ASP A 183 12.44 -11.31 -7.27
N GLU A 184 11.19 -11.43 -7.70
CA GLU A 184 10.75 -12.65 -8.39
C GLU A 184 11.28 -12.74 -9.83
N LEU A 185 11.44 -11.61 -10.51
CA LEU A 185 11.89 -11.61 -11.91
C LEU A 185 13.40 -11.77 -12.10
N GLU A 186 14.14 -11.43 -11.06
CA GLU A 186 15.58 -11.30 -11.11
C GLU A 186 16.23 -12.64 -11.45
N GLY A 187 17.06 -12.65 -12.49
CA GLY A 187 17.86 -13.80 -12.91
C GLY A 187 17.14 -14.97 -13.59
N VAL A 188 15.84 -15.07 -13.42
CA VAL A 188 15.09 -16.20 -13.96
C VAL A 188 14.19 -15.78 -15.16
N THR A 189 14.16 -14.47 -15.42
CA THR A 189 13.45 -13.90 -16.58
C THR A 189 14.26 -12.78 -17.21
N ALA A 190 13.76 -12.24 -18.32
CA ALA A 190 14.40 -11.10 -18.98
C ALA A 190 13.57 -9.83 -18.78
N VAL A 191 12.79 -9.82 -17.70
CA VAL A 191 11.92 -8.70 -17.38
C VAL A 191 12.49 -8.00 -16.17
N ARG A 192 12.58 -6.67 -16.25
CA ARG A 192 12.92 -5.83 -15.11
C ARG A 192 11.70 -5.07 -14.61
N ALA A 193 11.71 -4.72 -13.33
CA ALA A 193 10.63 -3.90 -12.74
C ALA A 193 11.25 -2.80 -11.87
N ASN A 194 10.82 -1.55 -12.09
CA ASN A 194 11.37 -0.38 -11.37
C ASN A 194 10.24 0.61 -11.15
N SER A 195 10.48 1.60 -10.29
CA SER A 195 9.52 2.65 -10.09
C SER A 195 10.09 3.99 -10.52
N ILE A 196 9.17 4.92 -10.84
CA ILE A 196 9.49 6.28 -11.25
C ILE A 196 8.70 7.27 -10.39
N ASN A 197 9.43 8.14 -9.72
CA ASN A 197 8.82 9.32 -9.14
C ASN A 197 8.96 10.44 -10.16
N PRO A 198 7.84 10.85 -10.79
CA PRO A 198 7.97 11.87 -11.86
C PRO A 198 8.25 13.28 -11.36
N GLY A 199 7.92 13.56 -10.10
CA GLY A 199 8.10 14.89 -9.54
C GLY A 199 6.99 15.77 -10.05
N ALA A 200 7.19 17.07 -9.98
CA ALA A 200 6.14 18.02 -10.36
C ALA A 200 6.04 18.22 -11.87
N THR A 201 4.81 18.20 -12.42
CA THR A 201 4.58 18.45 -13.86
C THR A 201 3.38 19.32 -14.11
N ARG A 202 3.31 19.89 -15.30
N ARG A 202 3.35 19.99 -15.26
CA ARG A 202 2.25 20.82 -15.67
CA ARG A 202 2.22 20.84 -15.60
C ARG A 202 1.05 20.05 -16.23
C ARG A 202 1.13 19.95 -16.21
N THR A 203 0.28 19.42 -15.33
CA THR A 203 -0.83 18.55 -15.73
C THR A 203 -2.08 18.80 -14.86
N GLY A 204 -3.21 18.28 -15.32
CA GLY A 204 -4.47 18.45 -14.56
C GLY A 204 -4.43 17.66 -13.27
N ARG A 206 -1.57 17.00 -11.36
CA ARG A 206 -0.78 17.82 -10.44
C ARG A 206 -1.64 18.98 -9.88
N ALA A 207 -2.42 19.65 -10.74
CA ALA A 207 -3.28 20.78 -10.32
C ALA A 207 -4.37 20.33 -9.32
N GLN A 208 -4.91 19.13 -9.53
CA GLN A 208 -5.87 18.52 -8.58
C GLN A 208 -5.22 18.34 -7.18
N ALA A 209 -3.99 17.83 -7.17
CA ALA A 209 -3.28 17.52 -5.94
C ALA A 209 -2.81 18.77 -5.18
N TYR A 210 -2.56 19.85 -5.92
CA TYR A 210 -2.12 21.11 -5.36
C TYR A 210 -3.01 22.22 -5.86
N PRO A 211 -4.23 22.32 -5.29
CA PRO A 211 -5.21 23.24 -5.83
C PRO A 211 -4.79 24.72 -5.86
N ASP A 212 -3.84 25.10 -5.01
CA ASP A 212 -3.45 26.50 -4.89
C ASP A 212 -2.11 26.81 -5.58
N GLU A 213 -1.48 25.80 -6.14
CA GLU A 213 -0.26 25.98 -6.95
C GLU A 213 -0.59 26.47 -8.37
N ASN A 214 0.16 27.44 -8.87
CA ASN A 214 0.06 27.86 -10.25
C ASN A 214 0.88 26.85 -11.13
N PRO A 215 0.23 26.17 -12.10
CA PRO A 215 0.94 25.20 -12.97
C PRO A 215 2.19 25.75 -13.67
N LEU A 216 2.28 27.07 -13.86
CA LEU A 216 3.42 27.68 -14.49
C LEU A 216 4.75 27.34 -13.80
N ASN A 217 4.67 27.03 -12.50
CA ASN A 217 5.84 26.60 -11.71
C ASN A 217 6.43 25.24 -12.13
N ASN A 218 5.70 24.45 -12.91
CA ASN A 218 6.09 23.06 -13.18
C ASN A 218 6.48 22.85 -14.63
N PRO A 219 7.42 21.93 -14.90
CA PRO A 219 7.79 21.68 -16.29
C PRO A 219 6.71 20.89 -16.99
N ALA A 220 6.65 21.05 -18.32
CA ALA A 220 5.73 20.26 -19.13
C ALA A 220 6.10 18.78 -19.01
N PRO A 221 5.10 17.89 -19.01
CA PRO A 221 5.43 16.48 -18.86
C PRO A 221 6.37 15.95 -19.96
N GLU A 222 6.33 16.54 -21.16
CA GLU A 222 7.18 16.07 -22.23
C GLU A 222 8.65 16.38 -21.96
N ASP A 223 8.94 17.27 -21.00
CA ASP A 223 10.31 17.58 -20.66
C ASP A 223 10.93 16.64 -19.60
N ILE A 224 10.13 15.76 -19.00
CA ILE A 224 10.67 14.84 -17.97
C ILE A 224 10.91 13.41 -18.43
N PRO A 226 13.49 11.70 -19.93
CA PRO A 226 14.70 10.85 -19.92
C PRO A 226 14.63 9.51 -19.15
N VAL A 227 14.15 9.48 -17.91
CA VAL A 227 14.05 8.21 -17.17
C VAL A 227 13.01 7.29 -17.79
N TYR A 228 11.95 7.89 -18.36
CA TYR A 228 10.91 7.08 -19.01
C TYR A 228 11.46 6.31 -20.21
N LEU A 229 12.31 6.99 -20.96
CA LEU A 229 12.93 6.38 -22.14
C LEU A 229 14.03 5.39 -21.75
N TYR A 230 14.81 5.76 -20.75
CA TYR A 230 15.91 4.93 -20.25
C TYR A 230 15.38 3.53 -19.91
N LEU A 231 14.36 3.51 -19.05
CA LEU A 231 13.82 2.24 -18.50
C LEU A 231 13.24 1.34 -19.58
N GLY A 233 14.30 1.13 -22.78
CA GLY A 233 15.25 0.82 -23.85
C GLY A 233 16.33 -0.10 -23.33
N PRO A 234 17.20 -0.60 -24.23
CA PRO A 234 18.25 -1.59 -23.84
C PRO A 234 19.34 -1.07 -22.90
N ASP A 235 19.46 0.24 -22.77
CA ASP A 235 20.48 0.78 -21.88
C ASP A 235 20.18 0.50 -20.41
N SER A 236 18.94 0.13 -20.10
CA SER A 236 18.60 -0.21 -18.72
C SER A 236 18.53 -1.72 -18.47
N THR A 237 19.01 -2.54 -19.40
CA THR A 237 18.99 -4.00 -19.13
C THR A 237 19.79 -4.24 -17.84
N GLY A 238 19.25 -5.09 -16.97
CA GLY A 238 19.92 -5.42 -15.69
C GLY A 238 19.65 -4.49 -14.52
N ILE A 239 18.89 -3.40 -14.77
CA ILE A 239 18.47 -2.46 -13.74
C ILE A 239 17.09 -2.91 -13.32
N ASN A 240 16.99 -3.34 -12.07
CA ASN A 240 15.81 -4.07 -11.62
C ASN A 240 15.64 -3.75 -10.15
N GLY A 241 14.42 -3.50 -9.71
CA GLY A 241 14.15 -3.22 -8.31
C GLY A 241 14.44 -1.85 -7.77
N GLN A 242 14.68 -0.89 -8.65
CA GLN A 242 15.17 0.47 -8.27
C GLN A 242 14.05 1.50 -8.23
N ALA A 243 14.14 2.43 -7.27
CA ALA A 243 13.19 3.51 -7.12
C ALA A 243 13.86 4.77 -7.65
N LEU A 244 13.51 5.14 -8.88
CA LEU A 244 14.17 6.21 -9.58
C LEU A 244 13.36 7.50 -9.57
N ASN A 245 14.03 8.61 -9.86
CA ASN A 245 13.38 9.92 -10.01
C ASN A 245 13.54 10.46 -11.44
N ALA A 246 12.47 11.01 -12.00
CA ALA A 246 12.54 11.73 -13.29
C ALA A 246 13.31 13.06 -13.22
N GLN A 247 13.21 13.74 -12.08
CA GLN A 247 13.82 15.05 -11.87
C GLN A 247 14.72 15.11 -10.63
N PHE B 3 14.07 -5.26 22.37
CA PHE B 3 13.76 -3.91 22.84
C PHE B 3 13.85 -3.83 24.36
N ASP B 4 14.48 -2.77 24.87
CA ASP B 4 14.86 -2.68 26.29
C ASP B 4 13.97 -1.73 27.11
N TYR B 5 13.01 -2.32 27.82
CA TYR B 5 12.03 -1.56 28.59
C TYR B 5 11.33 -2.49 29.57
N SER B 6 11.28 -2.10 30.85
CA SER B 6 10.52 -2.84 31.84
C SER B 6 9.37 -1.98 32.39
N ALA B 7 8.15 -2.46 32.23
CA ALA B 7 6.97 -1.71 32.62
C ALA B 7 6.62 -1.92 34.08
N HIS B 8 6.26 -0.82 34.76
CA HIS B 8 5.73 -0.89 36.13
C HIS B 8 4.35 -1.53 36.09
N PRO B 9 4.01 -2.32 37.13
CA PRO B 9 2.79 -3.12 37.11
C PRO B 9 1.53 -2.30 36.93
N GLU B 10 1.60 -1.00 37.20
CA GLU B 10 0.46 -0.10 37.00
C GLU B 10 0.69 0.95 35.90
N LEU B 11 1.65 0.67 35.02
CA LEU B 11 2.04 1.57 33.94
C LEU B 11 0.85 2.10 33.12
N LEU B 12 -0.12 1.23 32.84
CA LEU B 12 -1.21 1.56 31.93
C LEU B 12 -2.54 1.81 32.63
N LYS B 13 -2.50 1.97 33.95
CA LYS B 13 -3.72 2.18 34.74
C LYS B 13 -4.46 3.42 34.24
N GLY B 14 -5.79 3.31 34.12
CA GLY B 14 -6.61 4.44 33.71
C GLY B 14 -6.65 4.64 32.21
N ARG B 15 -5.93 3.76 31.49
CA ARG B 15 -5.87 3.74 30.04
C ARG B 15 -6.75 2.64 29.48
N VAL B 16 -7.43 2.97 28.38
CA VAL B 16 -8.28 2.05 27.66
C VAL B 16 -7.59 1.76 26.33
N ILE B 17 -7.31 0.48 26.08
CA ILE B 17 -6.56 0.06 24.88
C ILE B 17 -7.29 -1.04 24.09
N LEU B 18 -7.45 -0.87 22.78
CA LEU B 18 -8.09 -1.88 21.95
C LEU B 18 -7.05 -2.64 21.14
N VAL B 19 -7.17 -3.97 21.15
CA VAL B 19 -6.28 -4.88 20.44
C VAL B 19 -7.05 -5.68 19.40
N THR B 20 -6.58 -5.67 18.15
CA THR B 20 -7.20 -6.49 17.09
C THR B 20 -6.37 -7.75 16.95
N GLY B 21 -6.98 -8.86 16.52
CA GLY B 21 -6.29 -10.15 16.44
C GLY B 21 -5.84 -10.68 17.79
N ALA B 22 -6.71 -10.52 18.79
CA ALA B 22 -6.39 -10.80 20.18
C ALA B 22 -6.62 -12.28 20.56
N ALA B 23 -7.22 -13.06 19.67
CA ALA B 23 -7.58 -14.44 19.97
C ALA B 23 -6.35 -15.29 20.26
N ARG B 24 -5.35 -15.22 19.40
CA ARG B 24 -4.16 -16.09 19.51
C ARG B 24 -2.87 -15.30 19.25
N GLY B 25 -1.73 -15.96 19.40
CA GLY B 25 -0.44 -15.36 19.01
C GLY B 25 -0.06 -14.06 19.70
N ILE B 26 0.51 -13.13 18.91
CA ILE B 26 1.01 -11.86 19.43
C ILE B 26 -0.09 -10.96 20.02
N GLY B 27 -1.23 -10.87 19.32
CA GLY B 27 -2.38 -10.10 19.80
C GLY B 27 -2.83 -10.56 21.18
N ALA B 28 -2.85 -11.88 21.38
CA ALA B 28 -3.26 -12.45 22.66
C ALA B 28 -2.31 -12.07 23.78
N ALA B 29 -1.01 -12.07 23.46
CA ALA B 29 0.03 -11.72 24.44
C ALA B 29 -0.07 -10.24 24.80
N ALA B 30 -0.43 -9.41 23.81
CA ALA B 30 -0.62 -7.98 24.02
C ALA B 30 -1.83 -7.68 24.89
N ALA B 31 -2.96 -8.33 24.61
CA ALA B 31 -4.15 -8.17 25.43
C ALA B 31 -3.85 -8.52 26.90
N ARG B 32 -3.15 -9.64 27.08
CA ARG B 32 -2.81 -10.13 28.43
C ARG B 32 -1.85 -9.19 29.16
N ALA B 33 -0.78 -8.78 28.47
CA ALA B 33 0.23 -7.90 29.07
C ALA B 33 -0.31 -6.50 29.35
N TYR B 34 -1.18 -6.01 28.46
CA TYR B 34 -1.78 -4.70 28.66
C TYR B 34 -2.70 -4.74 29.87
N ALA B 35 -3.49 -5.80 29.99
CA ALA B 35 -4.38 -6.00 31.15
C ALA B 35 -3.62 -6.19 32.47
N ALA B 36 -2.51 -6.93 32.39
CA ALA B 36 -1.60 -7.15 33.51
C ALA B 36 -0.90 -5.87 34.00
N HIS B 37 -0.87 -4.84 33.15
CA HIS B 37 -0.26 -3.56 33.53
C HIS B 37 -1.25 -2.43 33.80
N GLY B 38 -2.52 -2.79 34.01
CA GLY B 38 -3.54 -1.84 34.50
C GLY B 38 -4.53 -1.29 33.48
N ALA B 39 -4.26 -1.54 32.19
CA ALA B 39 -5.13 -1.09 31.11
C ALA B 39 -6.41 -1.92 31.08
N SER B 40 -7.52 -1.23 30.80
CA SER B 40 -8.80 -1.86 30.48
C SER B 40 -8.71 -2.15 28.99
N VAL B 41 -8.95 -3.40 28.61
CA VAL B 41 -8.69 -3.80 27.22
C VAL B 41 -9.95 -4.13 26.45
N VAL B 42 -9.94 -3.76 25.19
CA VAL B 42 -11.05 -4.02 24.31
C VAL B 42 -10.52 -5.02 23.29
N LEU B 43 -11.22 -6.16 23.18
CA LEU B 43 -10.76 -7.26 22.35
C LEU B 43 -11.59 -7.43 21.09
N LEU B 44 -10.89 -7.43 19.97
CA LEU B 44 -11.49 -7.64 18.65
C LEU B 44 -11.08 -9.00 18.07
N GLY B 45 -12.05 -9.68 17.47
CA GLY B 45 -11.89 -11.01 16.86
C GLY B 45 -13.15 -11.39 16.08
N ARG B 46 -13.10 -12.51 15.35
CA ARG B 46 -14.25 -12.90 14.49
C ARG B 46 -15.48 -13.33 15.29
N THR B 47 -15.25 -14.11 16.34
CA THR B 47 -16.34 -14.60 17.19
C THR B 47 -16.00 -14.45 18.67
N GLU B 48 -17.03 -14.27 19.49
CA GLU B 48 -16.86 -14.29 20.95
C GLU B 48 -16.13 -15.56 21.36
N ALA B 49 -16.56 -16.68 20.78
CA ALA B 49 -15.97 -17.99 21.07
C ALA B 49 -14.43 -18.00 20.98
N SER B 50 -13.92 -17.41 19.91
CA SER B 50 -12.46 -17.28 19.71
C SER B 50 -11.74 -16.43 20.77
N LEU B 51 -12.44 -15.46 21.35
CA LEU B 51 -11.86 -14.59 22.38
C LEU B 51 -12.12 -15.09 23.81
N ALA B 52 -12.84 -16.21 23.94
CA ALA B 52 -13.20 -16.74 25.25
C ALA B 52 -11.99 -17.18 26.07
N GLU B 53 -11.01 -17.84 25.44
CA GLU B 53 -9.84 -18.33 26.18
C GLU B 53 -8.96 -17.18 26.70
N VAL B 54 -8.60 -16.24 25.81
CA VAL B 54 -7.78 -15.08 26.22
C VAL B 54 -8.47 -14.25 27.30
N SER B 55 -9.78 -14.09 27.17
CA SER B 55 -10.61 -13.39 28.14
C SER B 55 -10.63 -14.11 29.49
N ASP B 56 -10.75 -15.44 29.44
CA ASP B 56 -10.67 -16.25 30.66
C ASP B 56 -9.30 -16.13 31.31
N GLN B 57 -8.26 -16.01 30.50
CA GLN B 57 -6.90 -15.78 31.01
C GLN B 57 -6.78 -14.42 31.74
N ILE B 58 -7.28 -13.36 31.12
CA ILE B 58 -7.25 -12.01 31.72
C ILE B 58 -8.06 -11.95 33.03
N LYS B 59 -9.15 -12.71 33.06
CA LYS B 59 -10.03 -12.77 34.23
C LYS B 59 -9.38 -13.59 35.34
N SER B 60 -8.77 -14.73 34.97
CA SER B 60 -8.03 -15.58 35.94
C SER B 60 -6.93 -14.79 36.63
N ALA B 61 -6.27 -13.92 35.87
CA ALA B 61 -5.22 -13.03 36.39
C ALA B 61 -5.76 -11.94 37.34
N GLY B 62 -7.08 -11.78 37.39
CA GLY B 62 -7.71 -10.83 38.31
C GLY B 62 -8.31 -9.55 37.76
N GLN B 63 -8.28 -9.38 36.43
CA GLN B 63 -8.86 -8.18 35.81
C GLN B 63 -10.32 -8.42 35.37
N PRO B 64 -11.17 -7.35 35.42
CA PRO B 64 -12.58 -7.46 35.00
C PRO B 64 -12.74 -7.88 33.54
N GLN B 65 -13.84 -8.55 33.23
CA GLN B 65 -14.12 -9.06 31.88
C GLN B 65 -13.79 -8.00 30.80
N PRO B 66 -12.79 -8.27 29.94
CA PRO B 66 -12.49 -7.29 28.88
C PRO B 66 -13.72 -7.04 28.02
N LEU B 67 -13.76 -5.88 27.37
CA LEU B 67 -14.83 -5.61 26.44
C LEU B 67 -14.54 -6.45 25.20
N ILE B 68 -15.50 -7.29 24.82
CA ILE B 68 -15.36 -8.11 23.62
C ILE B 68 -16.22 -7.54 22.52
N ILE B 69 -15.59 -7.27 21.37
CA ILE B 69 -16.31 -6.86 20.17
C ILE B 69 -15.93 -7.79 19.01
N ALA B 70 -16.97 -8.30 18.35
CA ALA B 70 -16.84 -9.27 17.27
C ALA B 70 -17.04 -8.56 15.94
N LEU B 71 -16.14 -8.83 15.00
CA LEU B 71 -16.14 -8.20 13.69
C LEU B 71 -15.49 -9.14 12.71
N ASN B 72 -16.09 -9.29 11.54
CA ASN B 72 -15.42 -9.95 10.45
C ASN B 72 -14.73 -8.87 9.61
N LEU B 73 -13.42 -8.70 9.82
CA LEU B 73 -12.60 -7.70 9.11
C LEU B 73 -12.65 -7.84 7.60
N GLU B 74 -12.93 -9.04 7.15
CA GLU B 74 -12.96 -9.31 5.74
C GLU B 74 -14.27 -8.80 5.11
N ASN B 75 -15.30 -8.66 5.96
CA ASN B 75 -16.67 -8.31 5.59
C ASN B 75 -17.13 -6.94 6.11
N ALA B 76 -16.53 -6.49 7.20
CA ALA B 76 -17.10 -5.41 7.99
C ALA B 76 -17.26 -4.13 7.17
N THR B 77 -18.39 -3.47 7.36
CA THR B 77 -18.70 -2.22 6.67
C THR B 77 -18.34 -1.01 7.52
N ALA B 78 -18.30 0.16 6.88
CA ALA B 78 -17.94 1.41 7.57
C ALA B 78 -18.85 1.62 8.77
N GLN B 79 -20.13 1.31 8.58
CA GLN B 79 -21.16 1.40 9.61
C GLN B 79 -20.82 0.52 10.82
N GLN B 80 -20.33 -0.70 10.58
CA GLN B 80 -19.90 -1.58 11.66
C GLN B 80 -18.76 -1.02 12.49
N TYR B 81 -17.80 -0.37 11.82
CA TYR B 81 -16.71 0.26 12.57
C TYR B 81 -17.26 1.43 13.37
N ARG B 82 -18.19 2.19 12.79
CA ARG B 82 -18.84 3.30 13.50
C ARG B 82 -19.54 2.79 14.76
N GLU B 83 -20.27 1.67 14.63
N GLU B 83 -20.26 1.66 14.62
CA GLU B 83 -20.98 1.06 15.75
CA GLU B 83 -20.98 1.02 15.71
C GLU B 83 -19.99 0.56 16.80
C GLU B 83 -20.00 0.58 16.79
N LEU B 84 -18.86 0.02 16.35
CA LEU B 84 -17.79 -0.41 17.26
C LEU B 84 -17.23 0.73 18.12
N ALA B 85 -16.97 1.88 17.48
CA ALA B 85 -16.50 3.10 18.15
C ALA B 85 -17.51 3.63 19.16
N ALA B 86 -18.78 3.61 18.78
CA ALA B 86 -19.87 4.06 19.68
C ALA B 86 -19.98 3.15 20.90
N ARG B 87 -19.70 1.87 20.73
CA ARG B 87 -19.61 0.95 21.86
C ARG B 87 -18.48 1.34 22.84
N VAL B 88 -17.31 1.67 22.29
CA VAL B 88 -16.17 2.08 23.13
C VAL B 88 -16.45 3.42 23.81
N GLU B 89 -17.07 4.35 23.09
CA GLU B 89 -17.50 5.61 23.66
C GLU B 89 -18.52 5.38 24.78
N HIS B 90 -19.50 4.52 24.53
CA HIS B 90 -20.55 4.24 25.51
C HIS B 90 -19.99 3.68 26.82
N GLU B 91 -18.95 2.85 26.70
CA GLU B 91 -18.35 2.19 27.87
C GLU B 91 -17.27 3.00 28.58
N PHE B 92 -16.53 3.81 27.84
CA PHE B 92 -15.30 4.42 28.36
C PHE B 92 -15.20 5.94 28.13
N GLY B 93 -15.92 6.46 27.15
CA GLY B 93 -15.85 7.89 26.80
C GLY B 93 -14.49 8.35 26.31
N ARG B 94 -13.56 7.39 26.23
N ARG B 94 -13.54 7.43 26.27
CA ARG B 94 -12.12 7.59 26.05
CA ARG B 94 -12.17 7.69 25.85
C ARG B 94 -11.53 6.38 25.27
C ARG B 94 -11.58 6.42 25.23
N LEU B 95 -10.59 6.61 24.36
CA LEU B 95 -9.74 5.51 23.94
C LEU B 95 -8.32 6.04 24.01
N ASP B 96 -7.44 5.30 24.67
CA ASP B 96 -6.06 5.78 24.83
C ASP B 96 -5.08 4.99 23.97
N GLY B 97 -5.49 3.80 23.55
CA GLY B 97 -4.59 2.95 22.79
C GLY B 97 -5.27 2.14 21.72
N LEU B 98 -4.55 1.93 20.63
CA LEU B 98 -5.03 1.11 19.54
C LEU B 98 -3.87 0.28 18.98
N LEU B 99 -3.96 -1.03 19.14
CA LEU B 99 -2.97 -1.93 18.56
C LEU B 99 -3.53 -2.70 17.40
N HIS B 100 -3.00 -2.39 16.21
CA HIS B 100 -3.39 -3.07 14.98
C HIS B 100 -2.51 -4.27 14.83
N ASN B 101 -3.01 -5.39 15.27
CA ASN B 101 -2.26 -6.60 15.20
C ASN B 101 -2.75 -7.58 14.15
N ALA B 102 -4.07 -7.60 13.87
CA ALA B 102 -4.64 -8.56 12.96
C ALA B 102 -4.15 -8.35 11.54
N SER B 103 -3.92 -9.46 10.85
CA SER B 103 -3.71 -9.43 9.42
C SER B 103 -3.63 -10.87 8.94
N ILE B 104 -3.81 -11.07 7.65
CA ILE B 104 -3.69 -12.40 7.05
C ILE B 104 -2.53 -12.36 6.06
N ILE B 105 -1.91 -13.51 5.82
CA ILE B 105 -0.79 -13.57 4.86
C ILE B 105 -1.28 -13.81 3.41
N GLY B 106 -2.32 -14.62 3.28
CA GLY B 106 -2.77 -15.09 1.98
C GLY B 106 -1.76 -16.07 1.40
N PRO B 107 -1.97 -16.48 0.13
CA PRO B 107 -1.03 -17.43 -0.48
C PRO B 107 0.42 -16.89 -0.58
N ARG B 108 1.37 -17.78 -0.36
CA ARG B 108 2.79 -17.52 -0.57
C ARG B 108 3.18 -18.13 -1.91
N THR B 109 2.87 -17.41 -2.98
CA THR B 109 3.12 -17.88 -4.34
C THR B 109 3.73 -16.66 -5.00
N PRO B 110 4.47 -16.83 -6.12
CA PRO B 110 4.89 -15.67 -6.93
C PRO B 110 3.67 -14.86 -7.36
N LEU B 111 3.85 -13.55 -7.58
CA LEU B 111 2.75 -12.65 -7.98
C LEU B 111 2.02 -13.12 -9.23
N GLU B 112 2.78 -13.67 -10.19
N GLU B 112 2.76 -13.64 -10.21
CA GLU B 112 2.23 -14.18 -11.45
CA GLU B 112 2.14 -14.13 -11.44
C GLU B 112 1.18 -15.28 -11.24
C GLU B 112 1.05 -15.15 -11.13
N GLN B 113 1.29 -15.99 -10.10
CA GLN B 113 0.37 -17.08 -9.75
C GLN B 113 -0.61 -16.76 -8.64
N LEU B 114 -0.59 -15.54 -8.11
CA LEU B 114 -1.44 -15.22 -6.97
C LEU B 114 -2.80 -14.83 -7.52
N PRO B 115 -3.87 -15.57 -7.15
CA PRO B 115 -5.20 -15.18 -7.68
C PRO B 115 -5.58 -13.76 -7.38
N ASP B 116 -6.26 -13.10 -8.32
CA ASP B 116 -6.70 -11.69 -8.09
C ASP B 116 -7.50 -11.54 -6.81
N GLU B 117 -8.37 -12.51 -6.55
CA GLU B 117 -9.27 -12.39 -5.39
C GLU B 117 -8.52 -12.46 -4.06
N ASP B 118 -7.47 -13.26 -4.03
CA ASP B 118 -6.59 -13.37 -2.86
C ASP B 118 -5.82 -12.08 -2.62
N PHE B 119 -5.27 -11.51 -3.69
CA PHE B 119 -4.53 -10.22 -3.56
C PHE B 119 -5.49 -9.17 -2.98
N GLN B 121 -8.27 -9.59 -1.22
CA GLN B 121 -8.74 -9.89 0.10
C GLN B 121 -7.67 -9.54 1.14
N VAL B 122 -6.41 -9.89 0.87
CA VAL B 122 -5.27 -9.54 1.77
C VAL B 122 -5.20 -8.02 1.90
N HIS B 124 -7.60 -5.92 1.48
CA HIS B 124 -8.76 -5.42 2.22
C HIS B 124 -8.60 -5.66 3.72
N VAL B 125 -8.22 -6.88 4.09
CA VAL B 125 -8.12 -7.20 5.54
C VAL B 125 -6.98 -6.40 6.18
N ASN B 126 -5.86 -6.30 5.47
CA ASN B 126 -4.66 -5.74 6.12
C ASN B 126 -4.60 -4.22 6.05
N VAL B 127 -5.19 -3.65 5.01
CA VAL B 127 -5.08 -2.20 4.77
C VAL B 127 -6.41 -1.49 4.90
N ASN B 128 -7.40 -1.91 4.12
CA ASN B 128 -8.71 -1.25 4.18
C ASN B 128 -9.38 -1.30 5.57
N ALA B 129 -9.45 -2.50 6.14
CA ALA B 129 -10.01 -2.67 7.50
C ALA B 129 -9.24 -1.86 8.54
N THR B 130 -7.91 -1.87 8.42
CA THR B 130 -7.04 -1.09 9.30
C THR B 130 -7.34 0.40 9.21
N PHE B 131 -7.42 0.93 7.99
CA PHE B 131 -7.88 2.30 7.80
C PHE B 131 -9.27 2.59 8.40
N LEU B 133 -10.95 1.09 10.67
CA LEU B 133 -10.93 1.01 12.11
C LEU B 133 -10.28 2.27 12.73
N THR B 134 -9.16 2.72 12.17
CA THR B 134 -8.46 3.91 12.70
C THR B 134 -9.33 5.17 12.56
N ARG B 135 -9.94 5.33 11.40
CA ARG B 135 -10.82 6.46 11.12
C ARG B 135 -11.99 6.55 12.12
N ALA B 136 -12.67 5.42 12.36
CA ALA B 136 -13.78 5.33 13.30
C ALA B 136 -13.40 5.66 14.73
N LEU B 137 -12.19 5.29 15.10
CA LEU B 137 -11.69 5.49 16.45
C LEU B 137 -10.94 6.79 16.68
N LEU B 138 -10.56 7.50 15.61
CA LEU B 138 -9.74 8.70 15.80
C LEU B 138 -10.41 9.80 16.62
N PRO B 139 -11.72 10.05 16.41
CA PRO B 139 -12.30 11.04 17.33
C PRO B 139 -12.07 10.71 18.82
N LEU B 140 -12.21 9.43 19.20
CA LEU B 140 -12.05 8.99 20.60
C LEU B 140 -10.62 9.12 21.08
N LEU B 141 -9.67 8.71 20.23
CA LEU B 141 -8.24 8.86 20.53
C LEU B 141 -7.82 10.33 20.64
N LYS B 142 -8.42 11.20 19.83
CA LYS B 142 -8.10 12.64 19.86
C LYS B 142 -8.68 13.35 21.11
N ARG B 143 -9.60 12.71 21.81
CA ARG B 143 -10.06 13.19 23.14
C ARG B 143 -9.12 12.87 24.28
N SER B 144 -8.35 11.78 24.12
CA SER B 144 -7.40 11.35 25.15
C SER B 144 -6.35 12.41 25.49
N GLU B 145 -5.89 12.38 26.74
CA GLU B 145 -4.76 13.20 27.21
C GLU B 145 -3.41 12.72 26.67
N ASP B 146 -3.33 11.42 26.37
CA ASP B 146 -2.10 10.80 25.83
C ASP B 146 -2.50 9.48 25.16
N ALA B 147 -2.63 9.51 23.83
CA ALA B 147 -3.05 8.31 23.09
C ALA B 147 -1.99 7.80 22.12
N SER B 148 -2.03 6.49 21.90
CA SER B 148 -1.08 5.83 21.02
C SER B 148 -1.70 4.81 20.06
N ILE B 149 -1.33 4.93 18.79
CA ILE B 149 -1.70 3.98 17.74
C ILE B 149 -0.47 3.18 17.25
N ALA B 150 -0.52 1.86 17.33
CA ALA B 150 0.59 1.00 16.86
C ALA B 150 0.13 0.11 15.71
N PHE B 151 0.82 0.21 14.58
CA PHE B 151 0.56 -0.66 13.41
C PHE B 151 1.56 -1.80 13.39
N THR B 152 1.15 -3.01 13.04
CA THR B 152 2.13 -4.11 12.91
C THR B 152 2.65 -4.19 11.47
N SER B 153 3.98 -4.16 11.32
CA SER B 153 4.59 -4.41 10.01
C SER B 153 5.40 -5.68 9.98
N SER B 154 6.42 -5.70 9.13
CA SER B 154 7.20 -6.87 8.83
C SER B 154 8.44 -6.41 8.07
N SER B 155 9.53 -7.19 8.12
CA SER B 155 10.69 -6.90 7.26
C SER B 155 10.28 -6.84 5.77
N VAL B 156 9.32 -7.67 5.37
CA VAL B 156 8.86 -7.69 3.98
C VAL B 156 7.93 -6.53 3.64
N GLY B 157 7.46 -5.85 4.70
CA GLY B 157 6.83 -4.51 4.57
C GLY B 157 7.83 -3.38 4.45
N ARG B 158 9.11 -3.69 4.57
CA ARG B 158 10.12 -2.65 4.53
C ARG B 158 11.13 -2.88 3.41
N LYS B 159 11.34 -4.14 3.03
CA LYS B 159 12.13 -4.51 1.86
C LYS B 159 11.38 -5.69 1.23
N GLY B 160 10.89 -5.47 0.01
CA GLY B 160 10.10 -6.48 -0.73
C GLY B 160 10.88 -7.75 -1.02
N ARG B 161 10.22 -8.89 -0.78
CA ARG B 161 10.87 -10.20 -1.03
C ARG B 161 9.96 -11.13 -1.81
N ALA B 162 10.57 -11.92 -2.68
CA ALA B 162 9.82 -12.88 -3.50
C ALA B 162 8.91 -13.81 -2.71
N ASN B 163 7.77 -14.08 -3.31
CA ASN B 163 6.74 -15.04 -2.84
C ASN B 163 6.03 -14.68 -1.53
N TRP B 164 6.05 -13.40 -1.19
CA TRP B 164 5.28 -12.95 -0.04
C TRP B 164 3.91 -12.41 -0.48
N GLY B 165 3.61 -12.58 -1.77
CA GLY B 165 2.28 -12.23 -2.35
C GLY B 165 1.77 -10.85 -2.03
N ALA B 166 0.53 -10.78 -1.54
CA ALA B 166 0.00 -9.50 -1.13
C ALA B 166 0.45 -9.09 0.27
N TYR B 167 1.03 -10.04 1.02
CA TYR B 167 1.41 -9.73 2.41
C TYR B 167 2.46 -8.60 2.50
N GLY B 168 3.59 -8.76 1.81
CA GLY B 168 4.61 -7.71 1.77
C GLY B 168 4.04 -6.39 1.26
N VAL B 169 3.28 -6.46 0.16
CA VAL B 169 2.64 -5.24 -0.39
C VAL B 169 1.71 -4.55 0.62
N SER B 170 0.90 -5.33 1.34
CA SER B 170 -0.01 -4.78 2.35
C SER B 170 0.75 -4.15 3.53
N LYS B 171 1.92 -4.69 3.84
CA LYS B 171 2.72 -4.13 4.93
C LYS B 171 3.50 -2.84 4.54
N PHE B 172 3.96 -2.72 3.30
CA PHE B 172 4.34 -1.40 2.71
C PHE B 172 3.23 -0.36 2.86
N ALA B 173 2.02 -0.73 2.46
CA ALA B 173 0.86 0.16 2.54
C ALA B 173 0.62 0.61 3.98
N THR B 174 0.70 -0.32 4.92
CA THR B 174 0.61 -0.06 6.36
C THR B 174 1.64 0.96 6.86
N GLU B 175 2.92 0.80 6.47
CA GLU B 175 3.92 1.81 6.82
C GLU B 175 3.54 3.17 6.26
N GLY B 176 3.07 3.24 5.01
CA GLY B 176 2.68 4.51 4.38
C GLY B 176 1.47 5.15 5.07
N LEU B 177 0.54 4.32 5.50
CA LEU B 177 -0.59 4.78 6.33
C LEU B 177 -0.10 5.35 7.68
N GLN B 179 2.87 6.54 8.42
CA GLN B 179 3.68 7.75 8.19
C GLN B 179 2.78 8.97 7.87
N THR B 180 1.78 8.76 7.02
CA THR B 180 0.74 9.78 6.71
C THR B 180 0.07 10.21 8.01
N LEU B 181 -0.44 9.25 8.79
CA LEU B 181 -1.15 9.56 10.03
C LEU B 181 -0.28 10.33 11.05
N ALA B 182 0.91 9.82 11.28
CA ALA B 182 1.88 10.44 12.17
C ALA B 182 2.13 11.91 11.78
N ASP B 183 2.26 12.21 10.49
CA ASP B 183 2.47 13.58 10.06
C ASP B 183 1.25 14.49 10.34
N GLU B 184 0.05 13.91 10.30
CA GLU B 184 -1.18 14.69 10.61
C GLU B 184 -1.33 14.92 12.13
N LEU B 185 -0.89 13.95 12.91
CA LEU B 185 -1.03 14.00 14.37
C LEU B 185 -0.01 14.92 15.06
N GLU B 186 1.15 15.05 14.44
CA GLU B 186 2.29 15.76 15.00
C GLU B 186 1.94 17.14 15.53
N GLY B 187 2.21 17.34 16.82
CA GLY B 187 2.14 18.68 17.41
C GLY B 187 0.74 19.15 17.73
N VAL B 188 -0.21 18.92 16.82
CA VAL B 188 -1.57 19.46 16.90
C VAL B 188 -2.53 18.55 17.69
N THR B 189 -2.07 17.36 18.06
CA THR B 189 -2.90 16.41 18.81
C THR B 189 -1.99 15.82 19.85
N ALA B 190 -2.57 15.11 20.84
CA ALA B 190 -1.80 14.33 21.81
C ALA B 190 -1.79 12.82 21.45
N VAL B 191 -2.05 12.53 20.18
CA VAL B 191 -2.00 11.15 19.67
C VAL B 191 -0.68 10.90 18.94
N ARG B 192 -0.10 9.71 19.15
CA ARG B 192 1.09 9.30 18.41
C ARG B 192 0.79 8.06 17.60
N ALA B 193 1.49 7.92 16.47
CA ALA B 193 1.38 6.77 15.58
C ALA B 193 2.75 6.20 15.20
N ASN B 194 2.90 4.88 15.34
CA ASN B 194 4.16 4.22 15.10
C ASN B 194 3.91 2.82 14.61
N SER B 195 4.92 2.20 13.99
CA SER B 195 4.80 0.82 13.61
C SER B 195 5.74 -0.07 14.44
N ILE B 196 5.35 -1.32 14.62
CA ILE B 196 6.15 -2.32 15.34
C ILE B 196 6.36 -3.51 14.40
N ASN B 197 7.63 -3.79 14.13
CA ASN B 197 8.01 -5.06 13.53
C ASN B 197 8.28 -6.02 14.69
N PRO B 198 7.38 -7.01 14.88
CA PRO B 198 7.50 -7.92 16.02
C PRO B 198 8.70 -8.85 15.88
N GLY B 199 9.16 -9.03 14.63
CA GLY B 199 10.26 -9.93 14.32
C GLY B 199 9.78 -11.36 14.37
N ALA B 200 10.72 -12.29 14.47
CA ALA B 200 10.39 -13.70 14.58
C ALA B 200 9.85 -14.02 15.98
N THR B 201 8.61 -14.56 16.02
CA THR B 201 8.01 -15.03 17.27
C THR B 201 7.56 -16.49 17.15
N ARG B 202 7.49 -17.14 18.31
CA ARG B 202 6.99 -18.51 18.39
C ARG B 202 5.44 -18.50 18.37
N THR B 203 4.88 -18.32 17.17
CA THR B 203 3.43 -18.30 16.95
C THR B 203 3.06 -19.21 15.78
N GLY B 204 1.79 -19.60 15.70
CA GLY B 204 1.27 -20.38 14.57
C GLY B 204 1.52 -19.71 13.23
N ARG B 206 4.02 -17.47 12.43
CA ARG B 206 5.44 -17.47 12.07
C ARG B 206 5.94 -18.86 11.67
N ALA B 207 5.32 -19.90 12.21
CA ALA B 207 5.66 -21.30 11.92
C ALA B 207 5.07 -21.74 10.59
N ALA B 209 4.22 -19.41 7.89
CA ALA B 209 5.22 -18.73 7.08
C ALA B 209 6.54 -19.53 7.07
N TYR B 210 7.65 -18.87 7.36
CA TYR B 210 9.00 -19.48 7.32
C TYR B 210 9.03 -20.97 7.68
N ASN B 214 15.22 -23.37 14.36
CA ASN B 214 13.82 -23.63 14.03
C ASN B 214 12.84 -22.71 14.80
N PRO B 215 11.58 -23.17 15.04
CA PRO B 215 10.69 -22.49 16.00
C PRO B 215 11.31 -22.21 17.39
N LEU B 216 12.21 -23.09 17.85
CA LEU B 216 12.84 -22.93 19.17
C LEU B 216 13.75 -21.69 19.28
N ASN B 217 14.20 -21.19 18.12
CA ASN B 217 15.04 -19.99 18.00
C ASN B 217 14.34 -18.66 18.21
N ASN B 218 13.00 -18.68 18.29
CA ASN B 218 12.21 -17.47 18.42
C ASN B 218 11.65 -17.34 19.82
N PRO B 219 11.55 -16.11 20.34
CA PRO B 219 10.95 -16.00 21.66
C PRO B 219 9.43 -16.18 21.60
N ALA B 220 8.85 -16.49 22.75
CA ALA B 220 7.40 -16.46 22.93
C ALA B 220 6.94 -15.01 22.78
N PRO B 221 5.73 -14.81 22.20
CA PRO B 221 5.24 -13.45 21.97
C PRO B 221 5.18 -12.71 23.29
N GLU B 222 4.75 -13.42 24.34
CA GLU B 222 4.82 -12.94 25.71
C GLU B 222 6.15 -12.22 25.98
N ASP B 223 7.24 -12.76 25.43
CA ASP B 223 8.59 -12.20 25.65
C ASP B 223 8.98 -11.01 24.75
N ILE B 224 8.17 -10.69 23.74
CA ILE B 224 8.49 -9.52 22.90
C ILE B 224 7.62 -8.31 23.24
N PRO B 226 8.14 -5.82 25.54
CA PRO B 226 8.70 -4.50 25.92
C PRO B 226 8.26 -3.33 25.05
N VAL B 227 8.48 -3.41 23.74
CA VAL B 227 8.10 -2.33 22.81
C VAL B 227 6.57 -2.07 22.76
N TYR B 228 5.77 -3.13 22.85
CA TYR B 228 4.32 -3.03 22.96
C TYR B 228 3.87 -2.23 24.19
N LEU B 229 4.44 -2.54 25.34
CA LEU B 229 4.15 -1.81 26.58
C LEU B 229 4.64 -0.38 26.47
N TYR B 230 5.86 -0.25 25.96
CA TYR B 230 6.47 1.06 25.76
C TYR B 230 5.57 2.06 25.03
N LEU B 231 5.08 1.68 23.84
CA LEU B 231 4.27 2.57 22.99
C LEU B 231 2.91 2.95 23.57
N GLY B 233 2.23 3.27 26.90
CA GLY B 233 2.39 4.01 28.15
C GLY B 233 3.01 5.39 28.00
N PRO B 234 3.05 6.18 29.10
CA PRO B 234 3.43 7.58 29.12
C PRO B 234 4.89 7.87 28.80
N ASP B 235 5.72 6.83 28.78
CA ASP B 235 7.14 6.99 28.51
C ASP B 235 7.45 7.26 27.04
N SER B 236 6.51 6.93 26.16
CA SER B 236 6.70 7.11 24.71
C SER B 236 5.99 8.36 24.22
N THR B 237 5.48 9.17 25.14
CA THR B 237 4.87 10.46 24.76
C THR B 237 5.85 11.20 23.85
N GLY B 238 5.36 11.70 22.72
CA GLY B 238 6.20 12.45 21.79
C GLY B 238 6.92 11.60 20.74
N ILE B 239 6.99 10.28 20.95
CA ILE B 239 7.57 9.37 19.93
C ILE B 239 6.49 9.09 18.87
N ASN B 240 6.74 9.57 17.65
CA ASN B 240 5.70 9.62 16.59
C ASN B 240 6.34 9.44 15.22
N GLY B 241 5.71 8.63 14.37
CA GLY B 241 6.19 8.43 13.01
C GLY B 241 7.33 7.46 12.90
N GLN B 242 7.50 6.64 13.94
CA GLN B 242 8.65 5.74 14.04
C GLN B 242 8.31 4.32 13.64
N ALA B 243 9.22 3.74 12.85
CA ALA B 243 9.16 2.33 12.55
C ALA B 243 10.16 1.59 13.48
N LEU B 244 9.62 0.88 14.46
CA LEU B 244 10.45 0.26 15.50
C LEU B 244 10.47 -1.26 15.40
N ASN B 245 11.42 -1.88 16.10
CA ASN B 245 11.55 -3.34 16.13
C ASN B 245 11.40 -3.91 17.54
N ALA B 246 10.71 -5.04 17.63
CA ALA B 246 10.60 -5.76 18.89
C ALA B 246 11.76 -6.72 19.02
N GLN B 247 11.85 -7.67 18.08
CA GLN B 247 12.90 -8.74 18.01
C GLN B 247 12.48 -10.19 18.38
#